data_7CKF
#
_entry.id   7CKF
#
_cell.length_a   65.326
_cell.length_b   79.329
_cell.length_c   140.192
_cell.angle_alpha   90.000
_cell.angle_beta   90.000
_cell.angle_gamma   90.000
#
_symmetry.space_group_name_H-M   'P 21 21 21'
#
loop_
_entity.id
_entity.type
_entity.pdbx_description
1 polymer 'Guanylate-binding protein 5'
2 non-polymer 'MAGNESIUM ION'
3 non-polymer "GUANOSINE-5'-DIPHOSPHATE"
4 non-polymer 'ALUMINUM FLUORIDE'
5 water water
#
_entity_poly.entity_id   1
_entity_poly.type   'polypeptide(L)'
_entity_poly.pdbx_seq_one_letter_code
;SMALEIHMSDPMCLIENFNEQLKVNQEALEILSAITQPVVVVAIVGLYRTGKSYLMNKLAGKNKGFSVASTVQSHTKGIW
IWCVPHPNWPNHTLVLLDTEGLGDVEKADNKNDIQIFALALLLSSTFVYNTVNKIDQGAIDLLHNVTELTDLLKARNSPD
LDRVEDPADSASFFPDLVWTLRDFCLGLEIDGQLVTPDEYLENSLRPKQGSDQRVQNFNLPRLCIQKFFPKKKCFIFDLP
AHQKKLAQLETLPDDELEPEFVQQVTEFCSYIFSHSMTKTLPGGIMVNGSRLKNLVLTYVNAISSGDLPCIENAVL
;
_entity_poly.pdbx_strand_id   A,B
#
loop_
_chem_comp.id
_chem_comp.type
_chem_comp.name
_chem_comp.formula
AF3 non-polymer 'ALUMINUM FLUORIDE' 'Al F3'
GDP RNA linking GUANOSINE-5'-DIPHOSPHATE 'C10 H15 N5 O11 P2'
MG non-polymer 'MAGNESIUM ION' 'Mg 2'
#
# COMPACT_ATOMS: atom_id res chain seq x y z
N SER A 9 -21.99 -24.30 -5.13
CA SER A 9 -21.23 -25.15 -4.20
C SER A 9 -19.71 -24.90 -4.17
N ASP A 10 -19.12 -24.59 -5.32
CA ASP A 10 -17.75 -24.12 -5.38
C ASP A 10 -17.72 -22.97 -6.37
N PRO A 11 -16.92 -21.93 -6.12
CA PRO A 11 -16.84 -20.85 -7.09
C PRO A 11 -16.31 -21.37 -8.41
N MET A 12 -16.64 -20.69 -9.49
CA MET A 12 -16.02 -21.01 -10.76
C MET A 12 -15.59 -19.71 -11.42
N CYS A 13 -14.74 -19.84 -12.44
CA CYS A 13 -14.20 -18.66 -13.09
C CYS A 13 -15.24 -18.08 -14.04
N LEU A 14 -15.57 -16.80 -13.85
CA LEU A 14 -16.47 -16.10 -14.76
C LEU A 14 -15.73 -15.50 -15.96
N ILE A 15 -14.62 -14.82 -15.71
CA ILE A 15 -13.87 -14.18 -16.77
C ILE A 15 -12.44 -14.68 -16.67
N GLU A 16 -11.98 -15.34 -17.74
CA GLU A 16 -10.62 -15.84 -17.82
C GLU A 16 -9.70 -14.73 -18.27
N ASN A 17 -8.41 -14.88 -17.96
CA ASN A 17 -7.44 -13.83 -18.19
C ASN A 17 -6.08 -14.40 -18.61
N PHE A 18 -6.11 -15.43 -19.46
CA PHE A 18 -4.87 -16.03 -19.93
C PHE A 18 -4.23 -15.08 -20.92
N ASN A 19 -2.96 -14.74 -20.68
CA ASN A 19 -2.24 -13.80 -21.53
C ASN A 19 -2.89 -12.43 -21.54
N GLU A 20 -3.49 -12.05 -20.40
CA GLU A 20 -4.22 -10.79 -20.24
C GLU A 20 -5.22 -10.55 -21.37
N GLN A 21 -5.89 -11.62 -21.79
CA GLN A 21 -7.04 -11.54 -22.66
C GLN A 21 -8.26 -11.92 -21.84
N LEU A 22 -9.16 -10.95 -21.62
CA LEU A 22 -10.38 -11.19 -20.86
C LEU A 22 -11.41 -11.88 -21.74
N LYS A 23 -11.90 -13.02 -21.29
CA LYS A 23 -12.85 -13.82 -22.05
C LYS A 23 -13.86 -14.43 -21.10
N VAL A 24 -15.11 -14.50 -21.54
CA VAL A 24 -16.16 -15.11 -20.71
C VAL A 24 -16.04 -16.62 -20.75
N ASN A 25 -16.37 -17.23 -19.64
CA ASN A 25 -16.42 -18.68 -19.47
C ASN A 25 -17.88 -19.10 -19.64
N GLN A 26 -18.16 -19.85 -20.70
CA GLN A 26 -19.56 -20.13 -21.02
C GLN A 26 -20.25 -20.93 -19.92
N GLU A 27 -19.50 -21.77 -19.17
CA GLU A 27 -20.14 -22.54 -18.11
C GLU A 27 -20.68 -21.64 -17.01
N ALA A 28 -19.93 -20.59 -16.66
CA ALA A 28 -20.39 -19.64 -15.64
C ALA A 28 -21.49 -18.75 -16.18
N LEU A 29 -21.42 -18.38 -17.46
CA LEU A 29 -22.52 -17.65 -18.07
C LEU A 29 -23.81 -18.47 -18.04
N GLU A 30 -23.72 -19.78 -18.31
CA GLU A 30 -24.91 -20.60 -18.37
C GLU A 30 -25.50 -20.90 -16.99
N ILE A 31 -24.67 -20.98 -15.96
CA ILE A 31 -25.20 -21.05 -14.60
C ILE A 31 -25.97 -19.78 -14.25
N LEU A 32 -25.41 -18.62 -14.61
CA LEU A 32 -26.06 -17.34 -14.31
C LEU A 32 -27.40 -17.22 -14.99
N SER A 33 -27.48 -17.64 -16.24
CA SER A 33 -28.71 -17.45 -16.98
C SER A 33 -29.84 -18.35 -16.48
N ALA A 34 -29.52 -19.39 -15.70
CA ALA A 34 -30.53 -20.27 -15.10
C ALA A 34 -31.03 -19.77 -13.75
N ILE A 35 -30.36 -18.79 -13.16
CA ILE A 35 -30.82 -18.14 -11.95
C ILE A 35 -31.87 -17.09 -12.34
N THR A 36 -33.12 -17.30 -11.93
CA THR A 36 -34.17 -16.34 -12.18
C THR A 36 -34.42 -15.42 -11.00
N GLN A 37 -33.84 -15.70 -9.83
CA GLN A 37 -34.04 -14.85 -8.67
C GLN A 37 -33.30 -13.53 -8.86
N PRO A 38 -33.76 -12.46 -8.19
CA PRO A 38 -32.97 -11.23 -8.18
C PRO A 38 -31.60 -11.51 -7.56
N VAL A 39 -30.60 -10.74 -7.97
CA VAL A 39 -29.22 -11.01 -7.56
C VAL A 39 -28.66 -9.81 -6.81
N VAL A 40 -27.95 -10.10 -5.73
CA VAL A 40 -27.19 -9.12 -4.98
C VAL A 40 -25.73 -9.39 -5.30
N VAL A 41 -25.11 -8.51 -6.10
CA VAL A 41 -23.77 -8.74 -6.61
C VAL A 41 -22.79 -7.99 -5.73
N VAL A 42 -21.91 -8.72 -5.05
CA VAL A 42 -20.89 -8.14 -4.19
C VAL A 42 -19.52 -8.43 -4.81
N ALA A 43 -18.79 -7.38 -5.18
CA ALA A 43 -17.48 -7.49 -5.80
C ALA A 43 -16.41 -6.89 -4.89
N ILE A 44 -15.23 -7.51 -4.87
CA ILE A 44 -14.09 -7.02 -4.09
C ILE A 44 -12.95 -6.67 -5.03
N VAL A 45 -12.31 -5.52 -4.78
CA VAL A 45 -11.18 -5.05 -5.57
C VAL A 45 -10.16 -4.44 -4.62
N GLY A 46 -8.88 -4.68 -4.91
CA GLY A 46 -7.79 -4.18 -4.10
C GLY A 46 -6.48 -4.56 -4.74
N LEU A 47 -5.38 -4.07 -4.15
CA LEU A 47 -4.07 -4.48 -4.64
C LEU A 47 -3.87 -5.97 -4.36
N TYR A 48 -3.01 -6.62 -5.14
CA TYR A 48 -2.84 -8.04 -4.95
C TYR A 48 -2.21 -8.34 -3.58
N ARG A 49 -2.41 -9.60 -3.12
CA ARG A 49 -1.80 -10.14 -1.90
C ARG A 49 -2.36 -9.46 -0.66
N THR A 50 -3.64 -9.13 -0.70
CA THR A 50 -4.25 -8.28 0.30
C THR A 50 -5.39 -9.00 1.02
N GLY A 51 -5.47 -10.32 0.84
CA GLY A 51 -6.45 -11.12 1.53
C GLY A 51 -7.86 -10.93 1.03
N LYS A 52 -8.03 -10.57 -0.24
CA LYS A 52 -9.37 -10.39 -0.79
C LYS A 52 -10.11 -11.72 -0.81
N SER A 53 -9.50 -12.71 -1.47
CA SER A 53 -10.09 -14.04 -1.60
C SER A 53 -10.48 -14.62 -0.25
N TYR A 54 -9.62 -14.45 0.75
CA TYR A 54 -9.92 -14.95 2.08
C TYR A 54 -11.19 -14.29 2.64
N LEU A 55 -11.31 -12.97 2.50
CA LEU A 55 -12.47 -12.27 3.05
C LEU A 55 -13.74 -12.69 2.34
N MET A 56 -13.70 -12.86 1.02
CA MET A 56 -14.91 -13.19 0.28
C MET A 56 -15.49 -14.54 0.71
N ASN A 57 -14.63 -15.47 1.15
CA ASN A 57 -15.14 -16.77 1.60
C ASN A 57 -15.96 -16.62 2.86
N LYS A 58 -15.66 -15.59 3.66
CA LYS A 58 -16.46 -15.32 4.86
C LYS A 58 -17.89 -14.97 4.50
N LEU A 59 -18.10 -14.24 3.41
CA LEU A 59 -19.45 -13.92 2.96
C LEU A 59 -20.19 -15.17 2.52
N ALA A 60 -19.47 -16.18 2.06
CA ALA A 60 -20.11 -17.41 1.62
C ALA A 60 -20.44 -18.33 2.79
N GLY A 61 -19.96 -18.00 3.99
CA GLY A 61 -20.18 -18.83 5.15
C GLY A 61 -19.50 -20.18 5.06
N LYS A 62 -18.41 -20.27 4.31
CA LYS A 62 -17.69 -21.52 4.11
C LYS A 62 -16.21 -21.24 4.28
N ASN A 63 -15.52 -22.11 5.04
CA ASN A 63 -14.12 -21.85 5.35
C ASN A 63 -13.24 -21.90 4.10
N LYS A 64 -13.69 -22.59 3.05
CA LYS A 64 -12.97 -22.74 1.80
C LYS A 64 -13.87 -22.33 0.64
N GLY A 65 -13.26 -21.82 -0.43
CA GLY A 65 -13.99 -21.45 -1.62
C GLY A 65 -13.06 -20.83 -2.63
N PHE A 66 -13.07 -19.50 -2.74
CA PHE A 66 -12.05 -18.84 -3.51
C PHE A 66 -10.69 -19.22 -2.94
N SER A 67 -9.80 -19.70 -3.81
CA SER A 67 -8.49 -20.18 -3.39
C SER A 67 -7.63 -19.03 -2.90
N VAL A 68 -6.86 -19.23 -1.83
CA VAL A 68 -6.07 -18.12 -1.32
C VAL A 68 -4.58 -18.19 -1.70
N ALA A 69 -3.78 -19.10 -1.12
CA ALA A 69 -2.31 -19.09 -1.37
C ALA A 69 -1.53 -17.94 -0.74
N SER A 70 -0.23 -18.19 -0.43
CA SER A 70 0.49 -17.37 0.53
C SER A 70 1.90 -16.93 0.12
N THR A 71 2.25 -16.93 -1.16
CA THR A 71 3.57 -16.46 -1.55
C THR A 71 3.51 -15.03 -2.09
N VAL A 72 4.68 -14.46 -2.38
CA VAL A 72 4.76 -13.12 -2.97
C VAL A 72 4.07 -13.06 -4.33
N GLN A 73 3.86 -14.20 -4.98
CA GLN A 73 3.24 -14.15 -6.30
C GLN A 73 1.72 -14.06 -6.18
N SER A 74 1.13 -13.37 -7.15
CA SER A 74 -0.31 -13.30 -7.29
C SER A 74 -0.88 -14.71 -7.48
N HIS A 75 -2.13 -14.88 -7.08
CA HIS A 75 -2.82 -16.17 -7.19
C HIS A 75 -4.09 -16.04 -8.03
N THR A 76 -5.13 -15.36 -7.55
CA THR A 76 -6.36 -15.20 -8.29
C THR A 76 -6.11 -14.52 -9.64
N LYS A 77 -6.68 -15.09 -10.70
CA LYS A 77 -6.58 -14.53 -12.05
C LYS A 77 -7.98 -14.28 -12.61
N GLY A 78 -8.14 -13.17 -13.34
CA GLY A 78 -9.46 -12.86 -13.89
C GLY A 78 -10.48 -12.60 -12.79
N ILE A 79 -11.73 -12.95 -13.08
CA ILE A 79 -12.84 -12.72 -12.16
C ILE A 79 -13.56 -14.05 -11.90
N TRP A 80 -13.69 -14.40 -10.62
CA TRP A 80 -14.39 -15.61 -10.20
C TRP A 80 -15.76 -15.25 -9.64
N ILE A 81 -16.70 -16.15 -9.86
CA ILE A 81 -18.09 -15.94 -9.45
C ILE A 81 -18.48 -17.09 -8.54
N TRP A 82 -19.34 -16.78 -7.57
CA TRP A 82 -19.89 -17.79 -6.68
C TRP A 82 -21.31 -17.35 -6.34
N CYS A 83 -22.30 -18.10 -6.83
CA CYS A 83 -23.70 -17.82 -6.55
C CYS A 83 -24.15 -18.68 -5.37
N VAL A 84 -24.42 -18.04 -4.24
CA VAL A 84 -24.87 -18.76 -3.04
C VAL A 84 -26.18 -18.14 -2.60
N PRO A 85 -27.01 -18.89 -1.86
CA PRO A 85 -28.28 -18.32 -1.39
C PRO A 85 -28.01 -17.20 -0.39
N HIS A 86 -28.81 -16.16 -0.48
CA HIS A 86 -28.72 -15.07 0.49
C HIS A 86 -29.06 -15.62 1.87
N PRO A 87 -28.19 -15.43 2.88
CA PRO A 87 -28.43 -16.07 4.18
C PRO A 87 -29.74 -15.70 4.87
N ASN A 88 -30.27 -14.48 4.68
CA ASN A 88 -31.49 -14.11 5.38
C ASN A 88 -32.53 -13.42 4.50
N TRP A 89 -32.35 -13.39 3.19
CA TRP A 89 -33.27 -12.70 2.29
C TRP A 89 -33.83 -13.72 1.31
N PRO A 90 -35.06 -14.19 1.51
CA PRO A 90 -35.56 -15.32 0.72
C PRO A 90 -35.62 -15.00 -0.76
N ASN A 91 -35.42 -16.04 -1.57
CA ASN A 91 -35.52 -15.97 -3.01
C ASN A 91 -34.61 -14.91 -3.62
N HIS A 92 -33.55 -14.52 -2.91
CA HIS A 92 -32.51 -13.66 -3.46
C HIS A 92 -31.20 -14.44 -3.48
N THR A 93 -30.48 -14.32 -4.60
CA THR A 93 -29.19 -14.97 -4.79
C THR A 93 -28.08 -13.96 -4.53
N LEU A 94 -27.16 -14.29 -3.65
CA LEU A 94 -25.96 -13.48 -3.41
C LEU A 94 -24.87 -13.94 -4.37
N VAL A 95 -24.48 -13.05 -5.28
CA VAL A 95 -23.48 -13.34 -6.30
C VAL A 95 -22.16 -12.70 -5.88
N LEU A 96 -21.17 -13.52 -5.54
CA LEU A 96 -19.90 -13.00 -5.05
C LEU A 96 -18.87 -12.97 -6.20
N LEU A 97 -18.23 -11.82 -6.36
CA LEU A 97 -17.19 -11.63 -7.39
C LEU A 97 -15.86 -11.44 -6.69
N ASP A 98 -14.93 -12.34 -6.96
CA ASP A 98 -13.57 -12.29 -6.44
C ASP A 98 -12.63 -12.02 -7.62
N THR A 99 -11.78 -11.01 -7.48
CA THR A 99 -11.04 -10.48 -8.62
C THR A 99 -9.53 -10.61 -8.46
N GLU A 100 -8.85 -10.69 -9.60
CA GLU A 100 -7.40 -10.55 -9.65
C GLU A 100 -6.96 -9.20 -9.09
N GLY A 101 -6.10 -9.22 -8.07
CA GLY A 101 -5.67 -7.99 -7.44
C GLY A 101 -4.80 -7.14 -8.34
N LEU A 102 -4.76 -5.84 -8.03
CA LEU A 102 -4.06 -4.85 -8.85
C LEU A 102 -2.59 -4.75 -8.48
N GLY A 103 -1.80 -4.24 -9.43
CA GLY A 103 -0.42 -3.92 -9.13
C GLY A 103 0.54 -5.10 -9.07
N ASP A 104 0.18 -6.21 -9.71
CA ASP A 104 1.06 -7.38 -9.70
C ASP A 104 2.28 -7.10 -10.56
N VAL A 105 3.47 -7.25 -9.98
CA VAL A 105 4.70 -6.82 -10.64
C VAL A 105 5.16 -7.78 -11.73
N GLU A 106 4.58 -8.99 -11.79
CA GLU A 106 4.92 -9.90 -12.89
C GLU A 106 4.03 -9.69 -14.10
N LYS A 107 3.06 -8.79 -14.03
CA LYS A 107 2.03 -8.74 -15.05
C LYS A 107 2.42 -7.90 -16.26
N ALA A 108 3.03 -6.74 -16.03
CA ALA A 108 3.37 -5.78 -17.08
C ALA A 108 2.21 -5.54 -18.04
N ASP A 109 1.04 -5.20 -17.47
CA ASP A 109 -0.12 -4.78 -18.25
C ASP A 109 -1.07 -3.96 -17.38
N ASN A 110 -0.77 -2.67 -17.21
CA ASN A 110 -1.62 -1.82 -16.39
C ASN A 110 -3.02 -1.67 -16.98
N LYS A 111 -3.15 -1.71 -18.30
CA LYS A 111 -4.48 -1.60 -18.90
C LYS A 111 -5.37 -2.77 -18.49
N ASN A 112 -4.80 -3.97 -18.39
CA ASN A 112 -5.59 -5.13 -18.00
C ASN A 112 -6.13 -4.98 -16.58
N ASP A 113 -5.31 -4.48 -15.65
CA ASP A 113 -5.78 -4.17 -14.30
C ASP A 113 -7.00 -3.27 -14.32
N ILE A 114 -6.93 -2.15 -15.06
CA ILE A 114 -8.04 -1.20 -15.05
C ILE A 114 -9.31 -1.84 -15.61
N GLN A 115 -9.16 -2.72 -16.61
CA GLN A 115 -10.33 -3.39 -17.17
C GLN A 115 -10.98 -4.34 -16.19
N ILE A 116 -10.19 -5.02 -15.35
CA ILE A 116 -10.80 -5.90 -14.36
C ILE A 116 -11.53 -5.06 -13.32
N PHE A 117 -10.90 -3.97 -12.89
CA PHE A 117 -11.48 -2.99 -11.98
C PHE A 117 -12.82 -2.48 -12.50
N ALA A 118 -12.84 -2.00 -13.75
CA ALA A 118 -14.08 -1.48 -14.33
C ALA A 118 -15.16 -2.56 -14.37
N LEU A 119 -14.79 -3.79 -14.77
CA LEU A 119 -15.79 -4.85 -14.90
C LEU A 119 -16.44 -5.16 -13.56
N ALA A 120 -15.62 -5.40 -12.54
CA ALA A 120 -16.14 -5.63 -11.19
C ALA A 120 -17.04 -4.48 -10.75
N LEU A 121 -16.61 -3.24 -10.99
CA LEU A 121 -17.42 -2.09 -10.59
C LEU A 121 -18.73 -2.06 -11.36
N LEU A 122 -18.67 -2.28 -12.66
CA LEU A 122 -19.87 -2.23 -13.48
C LEU A 122 -20.88 -3.29 -13.09
N LEU A 123 -20.42 -4.44 -12.60
CA LEU A 123 -21.33 -5.54 -12.31
C LEU A 123 -21.84 -5.51 -10.88
N SER A 124 -21.12 -4.86 -9.98
CA SER A 124 -21.46 -4.93 -8.58
C SER A 124 -22.71 -4.10 -8.29
N SER A 125 -23.45 -4.52 -7.27
CA SER A 125 -24.39 -3.64 -6.62
C SER A 125 -23.84 -3.16 -5.28
N THR A 126 -22.89 -3.90 -4.72
CA THR A 126 -22.09 -3.46 -3.60
C THR A 126 -20.63 -3.70 -3.96
N PHE A 127 -19.82 -2.65 -3.88
CA PHE A 127 -18.44 -2.67 -4.30
C PHE A 127 -17.54 -2.59 -3.07
N VAL A 128 -16.77 -3.65 -2.80
CA VAL A 128 -15.87 -3.69 -1.65
C VAL A 128 -14.46 -3.33 -2.12
N TYR A 129 -13.91 -2.25 -1.56
CA TYR A 129 -12.58 -1.76 -1.89
C TYR A 129 -11.67 -2.08 -0.71
N ASN A 130 -10.71 -2.98 -0.93
CA ASN A 130 -9.94 -3.63 0.12
C ASN A 130 -8.53 -3.04 0.12
N THR A 131 -8.16 -2.33 1.19
CA THR A 131 -6.83 -1.73 1.29
C THR A 131 -6.23 -2.10 2.65
N VAL A 132 -4.91 -1.96 2.76
CA VAL A 132 -4.15 -2.37 3.94
C VAL A 132 -3.72 -1.15 4.73
N ASN A 133 -3.84 -1.24 6.06
CA ASN A 133 -3.34 -0.27 7.05
C ASN A 133 -4.08 1.07 7.07
N LYS A 134 -4.41 1.62 5.89
CA LYS A 134 -4.77 3.02 5.81
C LYS A 134 -5.50 3.31 4.52
N ILE A 135 -6.21 4.42 4.52
CA ILE A 135 -6.68 5.08 3.29
C ILE A 135 -5.54 5.96 2.77
N ASP A 136 -5.11 5.73 1.53
CA ASP A 136 -4.07 6.57 0.93
C ASP A 136 -4.54 7.16 -0.40
N GLN A 137 -3.92 8.29 -0.78
CA GLN A 137 -4.47 9.09 -1.87
C GLN A 137 -4.40 8.35 -3.21
N GLY A 138 -3.40 7.50 -3.41
CA GLY A 138 -3.35 6.72 -4.63
C GLY A 138 -4.55 5.79 -4.77
N ALA A 139 -5.04 5.26 -3.64
CA ALA A 139 -6.21 4.38 -3.69
C ALA A 139 -7.47 5.16 -4.04
N ILE A 140 -7.60 6.38 -3.51
CA ILE A 140 -8.74 7.23 -3.86
C ILE A 140 -8.67 7.61 -5.32
N ASP A 141 -7.50 8.10 -5.76
CA ASP A 141 -7.31 8.49 -7.15
C ASP A 141 -7.64 7.35 -8.10
N LEU A 142 -7.22 6.13 -7.77
CA LEU A 142 -7.55 4.99 -8.61
C LEU A 142 -9.06 4.73 -8.64
N LEU A 143 -9.73 4.81 -7.48
CA LEU A 143 -11.18 4.66 -7.44
C LEU A 143 -11.88 5.70 -8.31
N HIS A 144 -11.51 6.98 -8.13
CA HIS A 144 -12.07 8.06 -8.93
C HIS A 144 -11.80 7.86 -10.42
N ASN A 145 -10.57 7.52 -10.78
CA ASN A 145 -10.25 7.29 -12.18
C ASN A 145 -11.16 6.22 -12.80
N VAL A 146 -11.30 5.09 -12.12
CA VAL A 146 -12.08 4.00 -12.70
C VAL A 146 -13.56 4.32 -12.69
N THR A 147 -14.06 4.93 -11.62
CA THR A 147 -15.46 5.36 -11.60
C THR A 147 -15.77 6.28 -12.78
N GLU A 148 -14.90 7.25 -13.05
CA GLU A 148 -15.09 8.13 -14.20
C GLU A 148 -15.09 7.33 -15.50
N LEU A 149 -14.21 6.33 -15.61
CA LEU A 149 -14.10 5.57 -16.86
C LEU A 149 -15.32 4.69 -17.10
N THR A 150 -15.89 4.10 -16.04
CA THR A 150 -17.07 3.26 -16.23
C THR A 150 -18.29 4.06 -16.68
N ASP A 151 -18.36 5.36 -16.36
CA ASP A 151 -19.49 6.15 -16.82
C ASP A 151 -19.45 6.38 -18.32
N LEU A 152 -18.27 6.39 -18.92
CA LEU A 152 -18.17 6.42 -20.38
C LEU A 152 -18.67 5.12 -20.98
N LEU A 153 -18.14 3.99 -20.51
CA LEU A 153 -18.54 2.68 -21.00
C LEU A 153 -20.01 2.39 -20.73
N LYS A 154 -20.68 3.19 -19.91
CA LYS A 154 -22.13 3.10 -19.76
C LYS A 154 -22.88 4.07 -20.67
N ALA A 155 -22.18 5.01 -21.29
CA ALA A 155 -22.78 5.89 -22.29
C ALA A 155 -23.22 5.09 -23.50
N PRO A 175 -24.44 2.23 -6.68
CA PRO A 175 -23.75 1.10 -6.02
C PRO A 175 -23.02 1.48 -4.75
N ASP A 176 -23.55 0.90 -3.67
CA ASP A 176 -22.95 0.88 -2.34
C ASP A 176 -21.44 0.68 -2.39
N LEU A 177 -20.70 1.54 -1.68
CA LEU A 177 -19.26 1.37 -1.49
C LEU A 177 -18.98 0.96 -0.06
N VAL A 178 -18.11 -0.03 0.11
CA VAL A 178 -17.73 -0.56 1.41
C VAL A 178 -16.22 -0.65 1.41
N TRP A 179 -15.56 0.24 2.16
CA TRP A 179 -14.11 0.30 2.19
C TRP A 179 -13.63 -0.59 3.34
N THR A 180 -12.82 -1.61 3.04
CA THR A 180 -12.33 -2.50 4.09
C THR A 180 -10.85 -2.25 4.33
N LEU A 181 -10.50 -1.99 5.58
CA LEU A 181 -9.14 -1.61 5.99
C LEU A 181 -8.53 -2.77 6.75
N ARG A 182 -7.58 -3.46 6.13
CA ARG A 182 -6.99 -4.66 6.70
C ARG A 182 -5.73 -4.32 7.50
N ASP A 183 -5.42 -5.19 8.46
CA ASP A 183 -4.24 -5.06 9.31
C ASP A 183 -4.14 -3.63 9.87
N PHE A 184 -5.21 -3.23 10.54
CA PHE A 184 -5.38 -1.85 10.98
C PHE A 184 -4.91 -1.71 12.42
N CYS A 185 -3.91 -0.84 12.63
CA CYS A 185 -3.37 -0.57 13.95
C CYS A 185 -3.31 0.91 14.31
N LEU A 186 -3.37 1.82 13.34
CA LEU A 186 -3.22 3.24 13.63
C LEU A 186 -4.36 3.74 14.52
N GLY A 187 -4.07 4.77 15.31
CA GLY A 187 -5.10 5.36 16.17
C GLY A 187 -6.14 6.10 15.34
N LEU A 188 -7.40 5.89 15.67
CA LEU A 188 -8.50 6.55 14.94
C LEU A 188 -8.80 7.87 15.63
N GLU A 189 -8.00 8.87 15.27
CA GLU A 189 -8.01 10.15 15.96
C GLU A 189 -7.51 11.20 14.98
N ILE A 190 -8.34 12.21 14.72
CA ILE A 190 -8.06 13.23 13.73
C ILE A 190 -8.32 14.61 14.35
N ASP A 191 -7.29 15.45 14.38
CA ASP A 191 -7.38 16.80 14.94
C ASP A 191 -7.85 16.76 16.39
N GLY A 192 -7.34 15.81 17.16
CA GLY A 192 -7.68 15.67 18.57
C GLY A 192 -8.98 14.96 18.88
N GLN A 193 -9.73 14.50 17.87
CA GLN A 193 -11.06 13.92 18.05
C GLN A 193 -11.07 12.48 17.60
N LEU A 194 -11.74 11.62 18.38
CA LEU A 194 -11.92 10.23 18.00
C LEU A 194 -12.84 10.13 16.78
N VAL A 195 -12.50 9.23 15.85
CA VAL A 195 -13.31 9.00 14.68
C VAL A 195 -13.73 7.55 14.59
N THR A 196 -14.98 7.32 14.20
CA THR A 196 -15.40 6.02 13.74
C THR A 196 -14.75 5.75 12.38
N PRO A 197 -14.66 4.47 11.98
CA PRO A 197 -14.20 4.20 10.62
C PRO A 197 -14.98 4.94 9.55
N ASP A 198 -16.31 5.04 9.67
CA ASP A 198 -17.12 5.81 8.73
C ASP A 198 -16.59 7.25 8.63
N GLU A 199 -16.30 7.88 9.78
CA GLU A 199 -15.80 9.25 9.78
C GLU A 199 -14.41 9.35 9.17
N TYR A 200 -13.55 8.36 9.44
CA TYR A 200 -12.24 8.33 8.80
C TYR A 200 -12.36 8.29 7.29
N LEU A 201 -13.28 7.47 6.77
CA LEU A 201 -13.52 7.44 5.34
C LEU A 201 -14.02 8.78 4.84
N GLU A 202 -14.94 9.40 5.58
CA GLU A 202 -15.55 10.65 5.15
C GLU A 202 -14.54 11.79 5.19
N ASN A 203 -13.76 11.88 6.27
CA ASN A 203 -12.68 12.86 6.33
C ASN A 203 -11.69 12.65 5.18
N SER A 204 -11.41 11.38 4.84
CA SER A 204 -10.43 11.09 3.81
C SER A 204 -10.93 11.44 2.41
N LEU A 205 -12.24 11.32 2.19
CA LEU A 205 -12.83 11.59 0.88
C LEU A 205 -13.23 13.05 0.68
N ARG A 206 -13.21 13.85 1.73
CA ARG A 206 -13.67 15.23 1.70
C ARG A 206 -12.90 16.04 0.66
N PRO A 207 -13.58 16.80 -0.22
CA PRO A 207 -12.87 17.77 -1.06
C PRO A 207 -12.21 18.91 -0.25
N PHE A 229 -19.98 7.94 -4.99
CA PHE A 229 -20.55 6.81 -4.24
C PHE A 229 -21.47 7.31 -3.17
N PRO A 230 -22.72 7.66 -3.55
CA PRO A 230 -23.66 8.25 -2.57
C PRO A 230 -23.69 7.53 -1.23
N LYS A 231 -23.86 6.20 -1.25
CA LYS A 231 -23.87 5.42 -0.02
C LYS A 231 -22.49 4.80 0.20
N LYS A 232 -22.02 4.84 1.43
CA LYS A 232 -20.64 4.49 1.73
C LYS A 232 -20.59 3.91 3.12
N LYS A 233 -19.64 3.01 3.34
CA LYS A 233 -19.40 2.42 4.65
C LYS A 233 -17.94 2.02 4.70
N CYS A 234 -17.42 1.92 5.92
CA CYS A 234 -16.02 1.55 6.11
C CYS A 234 -15.91 0.64 7.32
N PHE A 235 -14.94 -0.29 7.25
CA PHE A 235 -14.73 -1.30 8.28
C PHE A 235 -13.24 -1.55 8.51
N ILE A 236 -12.85 -1.63 9.77
CA ILE A 236 -11.48 -1.97 10.12
C ILE A 236 -11.42 -3.44 10.50
N PHE A 237 -10.29 -4.09 10.17
CA PHE A 237 -10.02 -5.46 10.55
C PHE A 237 -8.64 -5.53 11.19
N ASP A 238 -8.55 -6.10 12.39
CA ASP A 238 -7.25 -6.34 12.99
C ASP A 238 -6.43 -7.28 12.11
N LEU A 239 -5.13 -7.37 12.42
CA LEU A 239 -4.37 -8.53 11.98
C LEU A 239 -5.05 -9.79 12.48
N PRO A 240 -5.39 -10.69 11.61
CA PRO A 240 -6.11 -11.88 12.00
C PRO A 240 -5.40 -12.86 12.91
N ALA A 241 -4.12 -13.09 12.73
CA ALA A 241 -3.43 -14.03 13.57
C ALA A 241 -2.22 -13.43 14.23
N HIS A 242 -2.27 -13.52 15.54
CA HIS A 242 -1.36 -12.94 16.51
C HIS A 242 -0.14 -13.77 16.69
N GLN A 243 0.29 -14.09 15.51
CA GLN A 243 1.43 -14.73 15.14
C GLN A 243 1.31 -14.53 13.59
N LYS A 244 2.41 -14.19 12.98
CA LYS A 244 2.41 -14.08 11.58
C LYS A 244 2.54 -15.53 11.26
N LYS A 245 1.39 -16.19 11.27
CA LYS A 245 1.13 -17.60 10.93
C LYS A 245 -0.01 -17.47 9.95
N LEU A 246 0.10 -16.36 9.26
CA LEU A 246 -0.77 -15.98 8.25
C LEU A 246 -0.78 -16.93 7.09
N ALA A 247 0.27 -17.70 6.81
CA ALA A 247 0.14 -18.49 5.58
C ALA A 247 -0.84 -19.66 5.71
N GLN A 248 -1.25 -20.03 6.90
CA GLN A 248 -2.17 -21.11 7.00
C GLN A 248 -3.51 -20.64 7.51
N LEU A 249 -3.77 -19.38 7.36
CA LEU A 249 -4.96 -18.76 7.94
C LEU A 249 -6.24 -19.51 7.57
N GLU A 250 -6.35 -19.97 6.33
CA GLU A 250 -7.56 -20.64 5.86
C GLU A 250 -7.90 -21.88 6.69
N THR A 251 -6.91 -22.47 7.36
CA THR A 251 -7.12 -23.69 8.15
C THR A 251 -7.37 -23.39 9.62
N LEU A 252 -7.39 -22.13 10.02
CA LEU A 252 -7.58 -22.07 11.46
C LEU A 252 -9.04 -21.89 11.82
N PRO A 253 -9.47 -22.44 12.96
CA PRO A 253 -10.81 -22.14 13.46
C PRO A 253 -10.84 -20.78 14.14
N ASP A 254 -12.06 -20.24 14.25
CA ASP A 254 -12.24 -18.90 14.80
C ASP A 254 -11.60 -18.74 16.17
N ASP A 255 -11.55 -19.79 16.98
CA ASP A 255 -10.99 -19.69 18.32
C ASP A 255 -9.48 -19.49 18.32
N GLU A 256 -8.80 -19.78 17.22
CA GLU A 256 -7.37 -19.50 17.13
C GLU A 256 -7.08 -18.18 16.42
N LEU A 257 -8.09 -17.58 15.79
CA LEU A 257 -8.00 -16.25 15.22
C LEU A 257 -8.08 -15.19 16.31
N GLU A 258 -7.57 -14.01 16.00
CA GLU A 258 -7.72 -12.87 16.91
C GLU A 258 -9.20 -12.58 17.15
N PRO A 259 -9.66 -12.56 18.42
CA PRO A 259 -11.13 -12.46 18.65
C PRO A 259 -11.73 -11.19 18.08
N GLU A 260 -11.10 -10.04 18.30
CA GLU A 260 -11.54 -8.80 17.67
C GLU A 260 -11.68 -8.96 16.15
N PHE A 261 -10.78 -9.72 15.52
CA PHE A 261 -10.90 -9.96 14.09
C PHE A 261 -12.14 -10.78 13.76
N VAL A 262 -12.43 -11.81 14.55
CA VAL A 262 -13.64 -12.61 14.32
C VAL A 262 -14.87 -11.71 14.41
N GLN A 263 -14.92 -10.88 15.45
CA GLN A 263 -16.04 -9.96 15.63
C GLN A 263 -16.11 -8.92 14.51
N GLN A 264 -14.95 -8.42 14.04
CA GLN A 264 -14.97 -7.46 12.94
C GLN A 264 -15.52 -8.09 11.66
N VAL A 265 -15.13 -9.34 11.37
CA VAL A 265 -15.62 -10.00 10.15
C VAL A 265 -17.13 -10.21 10.22
N THR A 266 -17.64 -10.57 11.40
CA THR A 266 -19.08 -10.77 11.57
C THR A 266 -19.86 -9.49 11.26
N GLU A 267 -19.36 -8.34 11.74
CA GLU A 267 -20.04 -7.08 11.50
C GLU A 267 -20.00 -6.69 10.02
N PHE A 268 -18.85 -6.88 9.37
CA PHE A 268 -18.79 -6.70 7.93
C PHE A 268 -19.87 -7.54 7.24
N CYS A 269 -19.90 -8.83 7.56
CA CYS A 269 -20.84 -9.72 6.90
C CYS A 269 -22.28 -9.32 7.20
N SER A 270 -22.57 -9.00 8.46
CA SER A 270 -23.92 -8.57 8.80
C SER A 270 -24.34 -7.37 7.98
N TYR A 271 -23.42 -6.40 7.81
CA TYR A 271 -23.79 -5.21 7.05
C TYR A 271 -24.11 -5.58 5.61
N ILE A 272 -23.27 -6.40 4.99
CA ILE A 272 -23.52 -6.84 3.62
C ILE A 272 -24.87 -7.52 3.52
N PHE A 273 -25.19 -8.38 4.50
CA PHE A 273 -26.44 -9.14 4.45
C PHE A 273 -27.66 -8.27 4.71
N SER A 274 -27.51 -7.16 5.45
CA SER A 274 -28.67 -6.32 5.73
C SER A 274 -28.79 -5.12 4.80
N HIS A 275 -27.68 -4.57 4.31
CA HIS A 275 -27.69 -3.33 3.56
C HIS A 275 -27.62 -3.53 2.05
N SER A 276 -26.97 -4.58 1.58
CA SER A 276 -26.81 -4.76 0.14
C SER A 276 -28.15 -5.03 -0.54
N MET A 277 -28.37 -4.35 -1.65
CA MET A 277 -29.62 -4.38 -2.40
C MET A 277 -29.45 -5.15 -3.71
N THR A 278 -30.58 -5.62 -4.22
CA THR A 278 -30.65 -6.21 -5.54
C THR A 278 -30.05 -5.27 -6.57
N LYS A 279 -29.20 -5.81 -7.44
CA LYS A 279 -28.64 -4.98 -8.50
C LYS A 279 -29.75 -4.38 -9.33
N THR A 280 -29.60 -3.09 -9.66
CA THR A 280 -30.64 -2.29 -10.29
C THR A 280 -30.06 -1.58 -11.50
N LEU A 281 -30.76 -1.67 -12.60
CA LEU A 281 -30.47 -0.94 -13.83
C LEU A 281 -31.29 0.36 -13.86
N PRO A 282 -30.89 1.32 -14.69
CA PRO A 282 -31.69 2.54 -14.82
C PRO A 282 -33.12 2.22 -15.23
N GLY A 283 -34.06 2.95 -14.65
CA GLY A 283 -35.46 2.65 -14.82
C GLY A 283 -36.03 1.73 -13.75
N GLY A 284 -35.29 1.50 -12.67
CA GLY A 284 -35.76 0.63 -11.60
C GLY A 284 -35.82 -0.84 -12.01
N ILE A 285 -35.30 -1.16 -13.19
CA ILE A 285 -35.25 -2.54 -13.63
C ILE A 285 -34.37 -3.33 -12.67
N MET A 286 -34.90 -4.42 -12.14
CA MET A 286 -34.20 -5.24 -11.18
C MET A 286 -33.53 -6.39 -11.91
N VAL A 287 -32.27 -6.65 -11.57
CA VAL A 287 -31.44 -7.59 -12.31
C VAL A 287 -31.56 -8.98 -11.69
N ASN A 288 -31.96 -9.95 -12.49
CA ASN A 288 -31.87 -11.35 -12.09
C ASN A 288 -30.62 -11.97 -12.73
N GLY A 289 -30.45 -13.28 -12.55
CA GLY A 289 -29.29 -13.94 -13.11
C GLY A 289 -29.24 -13.85 -14.62
N SER A 290 -30.38 -14.06 -15.29
CA SER A 290 -30.40 -14.01 -16.75
C SER A 290 -30.00 -12.64 -17.26
N ARG A 291 -30.47 -11.59 -16.61
CA ARG A 291 -30.11 -10.25 -17.04
C ARG A 291 -28.65 -9.96 -16.74
N LEU A 292 -28.14 -10.44 -15.60
CA LEU A 292 -26.74 -10.22 -15.26
C LEU A 292 -25.82 -10.81 -16.32
N LYS A 293 -26.19 -11.98 -16.88
CA LYS A 293 -25.36 -12.60 -17.90
C LYS A 293 -25.17 -11.67 -19.10
N ASN A 294 -26.25 -11.05 -19.57
CA ASN A 294 -26.15 -10.11 -20.67
C ASN A 294 -25.37 -8.86 -20.29
N LEU A 295 -25.51 -8.39 -19.04
CA LEU A 295 -24.63 -7.36 -18.51
C LEU A 295 -23.17 -7.74 -18.67
N VAL A 296 -22.82 -8.99 -18.37
CA VAL A 296 -21.44 -9.44 -18.50
C VAL A 296 -20.99 -9.36 -19.95
N LEU A 297 -21.85 -9.77 -20.87
CA LEU A 297 -21.49 -9.73 -22.29
C LEU A 297 -21.36 -8.30 -22.78
N THR A 298 -22.32 -7.44 -22.42
CA THR A 298 -22.25 -6.03 -22.80
C THR A 298 -20.94 -5.40 -22.33
N TYR A 299 -20.62 -5.56 -21.05
CA TYR A 299 -19.46 -4.86 -20.50
C TYR A 299 -18.14 -5.47 -20.94
N VAL A 300 -18.09 -6.79 -21.19
CA VAL A 300 -16.84 -7.36 -21.68
C VAL A 300 -16.52 -6.78 -23.06
N ASN A 301 -17.54 -6.63 -23.90
CA ASN A 301 -17.37 -5.97 -25.19
C ASN A 301 -17.00 -4.49 -25.03
N ALA A 302 -17.73 -3.76 -24.18
CA ALA A 302 -17.44 -2.35 -23.97
C ALA A 302 -16.03 -2.13 -23.46
N ILE A 303 -15.46 -3.13 -22.77
CA ILE A 303 -14.11 -3.02 -22.23
C ILE A 303 -13.07 -3.44 -23.26
N SER A 304 -13.48 -4.10 -24.33
CA SER A 304 -12.56 -4.57 -25.36
C SER A 304 -12.40 -3.57 -26.49
N HIS B 7 27.63 15.35 16.04
CA HIS B 7 27.36 16.77 15.92
C HIS B 7 26.01 17.11 16.57
N MET B 8 24.91 16.92 15.83
CA MET B 8 23.60 17.33 16.33
C MET B 8 23.01 16.29 17.26
N SER B 9 22.41 16.74 18.36
CA SER B 9 21.76 15.85 19.31
C SER B 9 20.32 15.52 18.93
N ASP B 10 19.69 16.33 18.09
CA ASP B 10 18.37 16.04 17.55
C ASP B 10 18.36 16.52 16.10
N PRO B 11 17.44 16.03 15.28
CA PRO B 11 17.30 16.55 13.92
C PRO B 11 16.56 17.88 13.93
N MET B 12 16.59 18.54 12.77
CA MET B 12 15.83 19.78 12.58
C MET B 12 15.29 19.81 11.16
N CYS B 13 14.23 20.58 10.98
CA CYS B 13 13.61 20.67 9.67
C CYS B 13 14.58 21.34 8.72
N LEU B 14 14.86 20.68 7.61
CA LEU B 14 15.68 21.25 6.57
C LEU B 14 14.83 21.97 5.54
N ILE B 15 13.63 21.44 5.29
CA ILE B 15 12.80 21.95 4.21
C ILE B 15 11.37 21.96 4.71
N GLU B 16 10.80 23.15 4.85
CA GLU B 16 9.45 23.33 5.35
C GLU B 16 8.45 23.21 4.22
N ASN B 17 7.21 22.90 4.58
CA ASN B 17 6.19 22.61 3.57
C ASN B 17 4.82 23.04 4.10
N PHE B 18 4.71 24.32 4.49
CA PHE B 18 3.47 24.86 5.06
C PHE B 18 2.51 25.26 3.95
N ASN B 19 1.47 24.47 3.72
CA ASN B 19 0.58 24.66 2.59
C ASN B 19 1.33 24.49 1.27
N GLU B 20 2.22 23.50 1.25
CA GLU B 20 2.79 22.95 0.02
C GLU B 20 3.70 23.94 -0.70
N GLN B 21 4.53 24.66 0.06
CA GLN B 21 5.55 25.52 -0.51
C GLN B 21 6.91 25.02 -0.03
N LEU B 22 7.78 24.66 -0.95
CA LEU B 22 9.07 24.09 -0.54
C LEU B 22 10.01 25.24 -0.25
N LYS B 23 10.25 25.53 1.04
CA LYS B 23 11.15 26.61 1.45
C LYS B 23 12.21 26.09 2.40
N VAL B 24 13.47 26.39 2.08
CA VAL B 24 14.58 25.96 2.90
C VAL B 24 14.53 26.63 4.28
N ASN B 25 15.19 26.01 5.24
CA ASN B 25 15.35 26.53 6.59
C ASN B 25 16.81 26.93 6.77
N GLN B 26 17.04 28.21 7.10
CA GLN B 26 18.39 28.75 7.14
C GLN B 26 19.22 28.11 8.24
N GLU B 27 18.63 27.93 9.43
CA GLU B 27 19.39 27.34 10.54
C GLU B 27 19.95 25.97 10.16
N ALA B 28 19.17 25.15 9.44
CA ALA B 28 19.68 23.86 8.99
C ALA B 28 20.73 24.02 7.91
N LEU B 29 20.49 24.97 6.99
CA LEU B 29 21.47 25.23 5.95
C LEU B 29 22.80 25.67 6.54
N GLU B 30 22.75 26.49 7.60
CA GLU B 30 24.00 26.96 8.20
C GLU B 30 24.76 25.81 8.86
N ILE B 31 24.04 24.86 9.47
CA ILE B 31 24.69 23.69 10.04
C ILE B 31 25.36 22.86 8.96
N LEU B 32 24.74 22.75 7.79
CA LEU B 32 25.33 21.99 6.69
C LEU B 32 26.65 22.59 6.24
N SER B 33 26.70 23.90 6.02
CA SER B 33 27.92 24.49 5.47
C SER B 33 29.07 24.50 6.46
N ALA B 34 28.81 24.24 7.73
CA ALA B 34 29.86 24.11 8.72
C ALA B 34 30.46 22.71 8.75
N ILE B 35 29.98 21.81 7.91
CA ILE B 35 30.52 20.46 7.79
C ILE B 35 31.49 20.47 6.63
N THR B 36 32.78 20.41 6.95
CA THR B 36 33.81 20.33 5.93
C THR B 36 34.20 18.89 5.60
N GLN B 37 33.71 17.91 6.37
CA GLN B 37 33.94 16.51 6.06
C GLN B 37 33.12 16.10 4.83
N PRO B 38 33.55 15.07 4.11
CA PRO B 38 32.65 14.38 3.17
C PRO B 38 31.41 13.82 3.89
N VAL B 39 30.28 13.85 3.17
CA VAL B 39 28.99 13.45 3.73
C VAL B 39 28.49 12.20 3.03
N VAL B 40 27.93 11.27 3.82
CA VAL B 40 27.09 10.17 3.31
C VAL B 40 25.65 10.58 3.59
N VAL B 41 24.83 10.65 2.53
CA VAL B 41 23.46 11.15 2.64
C VAL B 41 22.51 9.98 2.44
N VAL B 42 21.83 9.57 3.51
CA VAL B 42 20.84 8.51 3.46
C VAL B 42 19.47 9.14 3.61
N ALA B 43 18.66 9.07 2.56
CA ALA B 43 17.28 9.58 2.55
C ALA B 43 16.29 8.44 2.50
N ILE B 44 15.10 8.65 3.09
CA ILE B 44 14.04 7.63 3.12
C ILE B 44 12.76 8.22 2.52
N VAL B 45 12.10 7.43 1.66
CA VAL B 45 10.86 7.83 1.00
C VAL B 45 9.92 6.63 0.96
N GLY B 46 8.63 6.90 1.11
CA GLY B 46 7.61 5.90 0.92
C GLY B 46 6.29 6.49 1.37
N LEU B 47 5.24 5.70 1.21
CA LEU B 47 3.90 6.09 1.66
C LEU B 47 3.92 6.56 3.10
N TYR B 48 2.93 7.37 3.46
CA TYR B 48 2.85 7.87 4.83
C TYR B 48 2.36 6.78 5.78
N ARG B 49 2.68 6.96 7.06
CA ARG B 49 2.23 6.05 8.13
C ARG B 49 2.84 4.66 7.94
N THR B 50 4.14 4.65 7.70
CA THR B 50 4.78 3.44 7.18
C THR B 50 6.07 3.13 7.95
N GLY B 51 6.28 3.77 9.11
CA GLY B 51 7.44 3.50 9.94
C GLY B 51 8.74 4.14 9.47
N LYS B 52 8.68 5.15 8.59
CA LYS B 52 9.90 5.72 8.02
C LYS B 52 10.75 6.41 9.09
N SER B 53 10.15 7.39 9.79
CA SER B 53 10.87 8.09 10.85
C SER B 53 11.42 7.10 11.89
N TYR B 54 10.64 6.06 12.22
CA TYR B 54 11.05 5.14 13.26
C TYR B 54 12.31 4.38 12.86
N LEU B 55 12.38 3.97 11.58
CA LEU B 55 13.54 3.20 11.12
C LEU B 55 14.78 4.09 11.01
N MET B 56 14.62 5.30 10.47
CA MET B 56 15.75 6.21 10.35
C MET B 56 16.42 6.47 11.69
N ASN B 57 15.63 6.57 12.76
CA ASN B 57 16.23 6.71 14.08
C ASN B 57 17.19 5.56 14.40
N LYS B 58 16.95 4.37 13.81
CA LYS B 58 17.86 3.26 14.03
C LYS B 58 19.22 3.51 13.37
N LEU B 59 19.22 4.13 12.18
CA LEU B 59 20.47 4.52 11.54
C LEU B 59 21.27 5.51 12.37
N ALA B 60 20.61 6.25 13.26
CA ALA B 60 21.27 7.20 14.14
C ALA B 60 21.78 6.57 15.43
N GLY B 61 21.39 5.31 15.71
CA GLY B 61 21.77 4.68 16.95
C GLY B 61 21.02 5.17 18.17
N LYS B 62 20.00 6.00 18.00
CA LYS B 62 19.28 6.56 19.14
C LYS B 62 17.82 6.09 19.11
N ASN B 63 17.20 6.04 20.29
CA ASN B 63 15.84 5.52 20.37
C ASN B 63 14.82 6.53 19.87
N LYS B 64 15.05 7.82 20.11
CA LYS B 64 14.18 8.88 19.65
C LYS B 64 15.00 9.90 18.86
N GLY B 65 14.30 10.65 18.01
CA GLY B 65 14.95 11.59 17.10
C GLY B 65 13.92 12.20 16.18
N PHE B 66 13.83 11.71 14.95
CA PHE B 66 12.65 12.02 14.14
C PHE B 66 11.41 11.50 14.88
N SER B 67 10.50 12.40 15.07
CA SER B 67 9.29 12.15 15.73
C SER B 67 8.42 11.15 15.00
N VAL B 68 7.93 10.19 15.74
CA VAL B 68 7.03 9.22 15.20
C VAL B 68 5.70 9.36 15.94
N ALA B 69 4.62 9.23 15.23
CA ALA B 69 3.28 9.30 15.78
C ALA B 69 2.44 8.12 15.34
N SER B 70 1.43 7.82 16.10
CA SER B 70 0.59 6.69 15.91
C SER B 70 -0.86 6.78 15.40
N THR B 71 -1.29 7.89 14.91
CA THR B 71 -2.66 7.96 14.42
C THR B 71 -2.71 7.83 12.89
N VAL B 72 -3.93 7.84 12.35
CA VAL B 72 -4.12 7.83 10.90
C VAL B 72 -3.58 9.09 10.23
N GLN B 73 -3.37 10.17 10.99
CA GLN B 73 -2.89 11.44 10.42
C GLN B 73 -1.39 11.43 10.19
N SER B 74 -0.96 11.94 9.03
CA SER B 74 0.44 12.20 8.77
C SER B 74 1.06 12.99 9.91
N HIS B 75 2.34 12.74 10.17
CA HIS B 75 3.09 13.44 11.19
C HIS B 75 4.24 14.25 10.60
N THR B 76 5.24 13.59 10.00
CA THR B 76 6.38 14.30 9.41
C THR B 76 5.95 15.18 8.24
N LYS B 77 6.44 16.43 8.23
CA LYS B 77 6.20 17.37 7.15
C LYS B 77 7.54 17.85 6.58
N GLY B 78 7.58 18.01 5.25
CA GLY B 78 8.78 18.46 4.58
C GLY B 78 9.89 17.42 4.66
N ILE B 79 11.13 17.91 4.73
CA ILE B 79 12.30 17.04 4.85
C ILE B 79 13.08 17.42 6.10
N TRP B 80 13.44 16.42 6.88
CA TRP B 80 14.17 16.63 8.12
C TRP B 80 15.59 16.07 7.97
N ILE B 81 16.52 16.68 8.69
CA ILE B 81 17.93 16.37 8.53
C ILE B 81 18.52 16.08 9.90
N TRP B 82 19.46 15.14 9.94
CA TRP B 82 20.20 14.80 11.14
C TRP B 82 21.64 14.56 10.70
N CYS B 83 22.58 15.33 11.24
CA CYS B 83 23.99 15.19 10.89
C CYS B 83 24.75 14.62 12.06
N VAL B 84 25.32 13.43 11.87
CA VAL B 84 25.99 12.71 12.95
C VAL B 84 27.27 12.09 12.43
N PRO B 85 28.24 11.86 13.31
CA PRO B 85 29.47 11.18 12.90
C PRO B 85 29.15 9.79 12.37
N HIS B 86 29.77 9.45 11.25
CA HIS B 86 29.64 8.11 10.68
C HIS B 86 30.18 7.09 11.67
N PRO B 87 29.41 6.04 12.01
CA PRO B 87 29.83 5.14 13.09
C PRO B 87 31.11 4.36 12.79
N ASN B 88 31.37 3.98 11.54
CA ASN B 88 32.57 3.20 11.19
C ASN B 88 33.69 4.05 10.64
N TRP B 89 33.35 5.10 9.92
CA TRP B 89 34.22 5.72 8.94
C TRP B 89 34.76 7.03 9.50
N PRO B 90 36.03 7.11 9.85
CA PRO B 90 36.59 8.36 10.38
C PRO B 90 36.53 9.49 9.36
N ASN B 91 36.38 10.71 9.86
CA ASN B 91 36.35 11.94 9.05
C ASN B 91 35.20 11.95 8.04
N HIS B 92 34.15 11.20 8.31
CA HIS B 92 32.96 11.22 7.46
C HIS B 92 31.75 11.52 8.33
N THR B 93 30.82 12.30 7.80
CA THR B 93 29.59 12.63 8.50
C THR B 93 28.42 11.95 7.78
N LEU B 94 27.57 11.28 8.58
CA LEU B 94 26.35 10.68 8.07
C LEU B 94 25.24 11.71 8.10
N VAL B 95 24.60 11.93 6.95
CA VAL B 95 23.49 12.88 6.82
C VAL B 95 22.23 12.07 6.55
N LEU B 96 21.30 12.07 7.50
CA LEU B 96 20.05 11.34 7.36
C LEU B 96 18.95 12.30 6.94
N LEU B 97 18.24 11.96 5.88
CA LEU B 97 17.09 12.71 5.39
C LEU B 97 15.82 11.89 5.64
N ASP B 98 15.00 12.36 6.56
CA ASP B 98 13.68 11.79 6.85
C ASP B 98 12.65 12.70 6.20
N THR B 99 11.63 12.11 5.58
CA THR B 99 10.76 12.88 4.70
C THR B 99 9.29 12.60 4.97
N GLU B 100 8.46 13.53 4.49
CA GLU B 100 7.02 13.46 4.56
C GLU B 100 6.49 12.35 3.64
N GLY B 101 5.72 11.43 4.21
CA GLY B 101 5.21 10.31 3.43
C GLY B 101 4.28 10.75 2.32
N LEU B 102 4.32 9.99 1.21
CA LEU B 102 3.47 10.26 0.06
C LEU B 102 2.05 9.77 0.31
N GLY B 103 1.11 10.32 -0.46
CA GLY B 103 -0.27 9.84 -0.45
C GLY B 103 -1.15 10.24 0.72
N ASP B 104 -0.73 11.18 1.57
CA ASP B 104 -1.56 11.72 2.64
C ASP B 104 -2.87 12.24 2.06
N VAL B 105 -3.99 11.70 2.52
CA VAL B 105 -5.29 12.03 1.95
C VAL B 105 -5.76 13.39 2.39
N GLU B 106 -5.23 13.92 3.50
CA GLU B 106 -5.62 15.26 3.93
C GLU B 106 -4.91 16.35 3.15
N LYS B 107 -3.77 16.03 2.53
CA LYS B 107 -3.08 16.92 1.62
C LYS B 107 -3.63 16.79 0.21
N ALA B 108 -3.71 15.54 -0.30
CA ALA B 108 -4.23 15.25 -1.64
C ALA B 108 -3.59 16.14 -2.70
N ASP B 109 -2.26 16.14 -2.72
CA ASP B 109 -1.48 17.03 -3.59
C ASP B 109 -0.32 16.19 -4.14
N ASN B 110 -0.61 15.45 -5.22
CA ASN B 110 0.38 14.56 -5.80
C ASN B 110 1.63 15.32 -6.26
N LYS B 111 1.46 16.56 -6.74
CA LYS B 111 2.59 17.29 -7.30
C LYS B 111 3.58 17.67 -6.19
N ASN B 112 3.08 18.21 -5.08
CA ASN B 112 3.90 18.39 -3.89
C ASN B 112 4.57 17.08 -3.45
N ASP B 113 3.82 15.97 -3.46
CA ASP B 113 4.41 14.65 -3.18
C ASP B 113 5.60 14.37 -4.09
N ILE B 114 5.38 14.52 -5.40
CA ILE B 114 6.42 14.27 -6.39
C ILE B 114 7.62 15.19 -6.16
N GLN B 115 7.38 16.43 -5.73
CA GLN B 115 8.46 17.39 -5.54
C GLN B 115 9.32 17.04 -4.33
N ILE B 116 8.70 16.53 -3.27
CA ILE B 116 9.45 16.08 -2.10
C ILE B 116 10.28 14.86 -2.43
N PHE B 117 9.65 13.88 -3.09
CA PHE B 117 10.33 12.71 -3.65
C PHE B 117 11.58 13.10 -4.42
N ALA B 118 11.41 13.90 -5.49
CA ALA B 118 12.53 14.26 -6.35
C ALA B 118 13.67 14.88 -5.54
N LEU B 119 13.34 15.76 -4.62
CA LEU B 119 14.38 16.44 -3.87
C LEU B 119 15.15 15.48 -2.97
N ALA B 120 14.46 14.55 -2.32
CA ALA B 120 15.17 13.57 -1.49
C ALA B 120 16.04 12.65 -2.36
N LEU B 121 15.57 12.35 -3.57
CA LEU B 121 16.31 11.50 -4.47
C LEU B 121 17.54 12.21 -5.02
N LEU B 122 17.48 13.53 -5.18
CA LEU B 122 18.61 14.29 -5.71
C LEU B 122 19.70 14.52 -4.67
N LEU B 123 19.34 14.60 -3.39
CA LEU B 123 20.33 14.92 -2.38
C LEU B 123 21.08 13.70 -1.85
N SER B 124 20.55 12.50 -2.09
CA SER B 124 21.01 11.30 -1.42
C SER B 124 22.12 10.63 -2.20
N SER B 125 22.98 9.92 -1.47
CA SER B 125 23.86 8.93 -2.07
C SER B 125 23.37 7.52 -1.85
N THR B 126 22.58 7.30 -0.80
CA THR B 126 21.83 6.06 -0.59
C THR B 126 20.36 6.39 -0.39
N PHE B 127 19.52 5.79 -1.23
CA PHE B 127 18.09 6.09 -1.27
C PHE B 127 17.29 4.90 -0.76
N VAL B 128 16.59 5.08 0.35
CA VAL B 128 15.84 4.00 1.00
C VAL B 128 14.35 4.16 0.64
N TYR B 129 13.83 3.22 -0.15
CA TYR B 129 12.45 3.22 -0.59
C TYR B 129 11.68 2.28 0.32
N ASN B 130 10.76 2.82 1.13
CA ASN B 130 10.14 2.08 2.22
C ASN B 130 8.70 1.74 1.84
N THR B 131 8.42 0.44 1.65
CA THR B 131 7.06 -0.04 1.39
C THR B 131 6.67 -1.10 2.40
N VAL B 132 5.40 -1.52 2.31
CA VAL B 132 4.77 -2.40 3.28
C VAL B 132 4.32 -3.68 2.58
N ASN B 133 4.67 -4.83 3.16
CA ASN B 133 4.22 -6.17 2.79
C ASN B 133 4.87 -6.75 1.53
N LYS B 134 5.02 -5.97 0.47
CA LYS B 134 5.27 -6.55 -0.84
C LYS B 134 5.70 -5.44 -1.79
N ILE B 135 6.27 -5.84 -2.94
CA ILE B 135 6.58 -4.90 -4.01
C ILE B 135 5.35 -4.74 -4.90
N ASP B 136 4.87 -3.51 -5.01
CA ASP B 136 3.67 -3.15 -5.76
C ASP B 136 4.08 -2.47 -7.07
N GLN B 137 3.31 -2.73 -8.14
CA GLN B 137 3.66 -2.10 -9.41
C GLN B 137 3.54 -0.58 -9.33
N GLY B 138 2.56 -0.07 -8.58
CA GLY B 138 2.41 1.37 -8.45
C GLY B 138 3.60 2.04 -7.80
N ALA B 139 4.24 1.36 -6.84
CA ALA B 139 5.45 1.89 -6.20
C ALA B 139 6.62 1.91 -7.17
N ILE B 140 6.70 0.92 -8.07
CA ILE B 140 7.74 0.93 -9.09
C ILE B 140 7.50 2.06 -10.09
N ASP B 141 6.26 2.22 -10.55
CA ASP B 141 5.97 3.23 -11.55
C ASP B 141 6.27 4.63 -11.01
N LEU B 142 5.86 4.91 -9.77
CA LEU B 142 6.16 6.20 -9.16
C LEU B 142 7.68 6.42 -9.08
N LEU B 143 8.41 5.43 -8.57
CA LEU B 143 9.87 5.53 -8.51
C LEU B 143 10.44 5.80 -9.89
N HIS B 144 9.95 5.11 -10.91
CA HIS B 144 10.43 5.34 -12.26
C HIS B 144 10.16 6.77 -12.72
N ASN B 145 8.92 7.24 -12.52
CA ASN B 145 8.54 8.55 -13.04
C ASN B 145 9.31 9.67 -12.39
N VAL B 146 9.47 9.62 -11.06
CA VAL B 146 10.29 10.63 -10.39
C VAL B 146 11.72 10.58 -10.92
N THR B 147 12.22 9.36 -11.18
CA THR B 147 13.58 9.20 -11.72
C THR B 147 13.73 9.90 -13.07
N GLU B 148 12.73 9.78 -13.95
CA GLU B 148 12.81 10.44 -15.24
C GLU B 148 12.74 11.96 -15.09
N LEU B 149 11.90 12.46 -14.18
CA LEU B 149 11.86 13.90 -13.93
C LEU B 149 13.16 14.39 -13.31
N THR B 150 13.76 13.58 -12.44
CA THR B 150 15.02 13.95 -11.81
C THR B 150 16.15 14.07 -12.82
N ASP B 151 16.11 13.28 -13.90
CA ASP B 151 17.14 13.40 -14.93
C ASP B 151 17.01 14.70 -15.70
N LEU B 152 15.80 15.09 -16.06
CA LEU B 152 15.63 16.28 -16.86
C LEU B 152 15.97 17.57 -16.11
N LEU B 153 15.93 17.56 -14.78
CA LEU B 153 16.29 18.77 -14.02
C LEU B 153 17.76 18.76 -13.58
N PRO B 175 22.49 7.05 -7.22
CA PRO B 175 22.42 6.66 -5.81
C PRO B 175 22.02 5.20 -5.63
N ASP B 176 22.48 4.60 -4.53
CA ASP B 176 22.30 3.18 -4.32
C ASP B 176 20.90 2.95 -3.72
N LEU B 177 20.15 2.04 -4.35
CA LEU B 177 18.75 1.80 -3.99
C LEU B 177 18.66 0.71 -2.93
N VAL B 178 18.02 1.02 -1.82
CA VAL B 178 17.76 0.05 -0.77
C VAL B 178 16.24 -0.02 -0.60
N TRP B 179 15.66 -1.10 -1.09
CA TRP B 179 14.21 -1.28 -1.01
C TRP B 179 13.90 -2.04 0.27
N THR B 180 13.23 -1.38 1.22
CA THR B 180 12.86 -2.04 2.48
C THR B 180 11.40 -2.49 2.42
N LEU B 181 11.16 -3.69 2.94
CA LEU B 181 9.82 -4.27 2.97
C LEU B 181 9.45 -4.46 4.43
N ARG B 182 8.47 -3.69 4.89
CA ARG B 182 8.04 -3.71 6.27
C ARG B 182 6.88 -4.68 6.45
N ASP B 183 6.71 -5.15 7.69
CA ASP B 183 5.67 -6.10 8.06
C ASP B 183 5.58 -7.23 7.02
N PHE B 184 6.73 -7.83 6.72
CA PHE B 184 6.83 -8.81 5.64
C PHE B 184 6.54 -10.21 6.19
N CYS B 185 5.57 -10.91 5.59
CA CYS B 185 5.31 -12.32 5.94
C CYS B 185 5.02 -13.23 4.76
N LEU B 186 4.85 -12.72 3.55
CA LEU B 186 4.56 -13.60 2.42
C LEU B 186 5.74 -14.54 2.17
N GLY B 187 5.45 -15.68 1.56
CA GLY B 187 6.50 -16.66 1.27
C GLY B 187 7.43 -16.15 0.17
N LEU B 188 8.74 -16.15 0.45
CA LEU B 188 9.74 -15.71 -0.54
C LEU B 188 9.96 -16.85 -1.52
N GLU B 189 8.99 -17.01 -2.41
CA GLU B 189 8.90 -18.21 -3.23
C GLU B 189 8.30 -17.84 -4.56
N ILE B 190 9.07 -18.05 -5.62
CA ILE B 190 8.67 -17.73 -6.99
C ILE B 190 8.77 -19.00 -7.81
N ASP B 191 7.66 -19.42 -8.42
CA ASP B 191 7.58 -20.63 -9.23
C ASP B 191 8.28 -21.81 -8.54
N GLY B 192 7.86 -22.09 -7.30
CA GLY B 192 8.37 -23.24 -6.58
C GLY B 192 9.75 -23.12 -5.97
N GLN B 193 10.45 -22.00 -6.14
CA GLN B 193 11.83 -21.85 -5.68
C GLN B 193 11.97 -20.76 -4.63
N LEU B 194 12.62 -21.09 -3.51
CA LEU B 194 12.96 -20.12 -2.49
C LEU B 194 13.92 -19.06 -3.02
N VAL B 195 13.60 -17.80 -2.77
CA VAL B 195 14.44 -16.69 -3.21
C VAL B 195 14.83 -15.85 -2.00
N THR B 196 15.90 -15.11 -2.15
CA THR B 196 16.23 -14.07 -1.20
C THR B 196 15.45 -12.80 -1.52
N PRO B 197 15.34 -11.88 -0.57
CA PRO B 197 14.76 -10.57 -0.90
C PRO B 197 15.41 -9.91 -2.10
N ASP B 198 16.75 -10.01 -2.23
CA ASP B 198 17.47 -9.39 -3.35
C ASP B 198 17.02 -9.96 -4.69
N GLU B 199 16.78 -11.27 -4.74
CA GLU B 199 16.28 -11.91 -5.96
C GLU B 199 14.79 -11.60 -6.19
N TYR B 200 14.02 -11.44 -5.11
CA TYR B 200 12.65 -10.97 -5.26
C TYR B 200 12.62 -9.58 -5.90
N LEU B 201 13.38 -8.65 -5.34
CA LEU B 201 13.49 -7.31 -5.94
C LEU B 201 13.91 -7.39 -7.40
N GLU B 202 14.93 -8.20 -7.70
CA GLU B 202 15.40 -8.31 -9.08
C GLU B 202 14.31 -8.88 -9.98
N ASN B 203 13.57 -9.89 -9.49
CA ASN B 203 12.49 -10.44 -10.29
C ASN B 203 11.39 -9.42 -10.53
N SER B 204 11.15 -8.52 -9.56
CA SER B 204 10.09 -7.54 -9.69
C SER B 204 10.39 -6.41 -10.69
N LEU B 205 11.65 -6.21 -11.08
CA LEU B 205 12.02 -5.07 -11.94
C LEU B 205 12.32 -5.46 -13.38
N ARG B 206 12.05 -6.69 -13.78
CA ARG B 206 12.37 -7.11 -15.14
C ARG B 206 11.34 -6.60 -16.15
N PRO B 207 11.72 -6.48 -17.44
CA PRO B 207 10.81 -5.94 -18.45
C PRO B 207 9.57 -6.80 -18.67
N PHE B 229 18.68 1.92 -11.76
CA PHE B 229 19.43 1.95 -10.51
C PHE B 229 20.44 0.81 -10.51
N PRO B 230 21.70 1.11 -10.89
CA PRO B 230 22.69 0.02 -11.02
C PRO B 230 22.89 -0.79 -9.74
N LYS B 231 23.05 -0.14 -8.59
CA LYS B 231 23.23 -0.83 -7.31
C LYS B 231 21.89 -0.87 -6.57
N LYS B 232 21.35 -2.08 -6.38
CA LYS B 232 20.07 -2.31 -5.72
C LYS B 232 20.24 -3.26 -4.54
N LYS B 233 19.34 -3.15 -3.57
CA LYS B 233 19.39 -4.00 -2.40
C LYS B 233 18.01 -4.01 -1.77
N CYS B 234 17.67 -5.11 -1.11
CA CYS B 234 16.32 -5.29 -0.59
C CYS B 234 16.37 -5.96 0.76
N PHE B 235 15.78 -5.31 1.76
CA PHE B 235 15.74 -5.81 3.12
C PHE B 235 14.31 -6.04 3.58
N ILE B 236 14.04 -7.21 4.20
CA ILE B 236 12.72 -7.52 4.75
C ILE B 236 12.71 -7.23 6.24
N PHE B 237 11.52 -6.98 6.76
CA PHE B 237 11.33 -6.70 8.18
C PHE B 237 10.02 -7.33 8.62
N ASP B 238 10.08 -8.13 9.69
CA ASP B 238 8.88 -8.66 10.29
C ASP B 238 8.07 -7.52 10.92
N LEU B 239 6.85 -7.86 11.29
CA LEU B 239 6.09 -7.08 12.26
C LEU B 239 6.96 -6.85 13.47
N PRO B 240 7.29 -5.60 13.82
CA PRO B 240 8.23 -5.39 14.93
C PRO B 240 7.74 -5.96 16.26
N ALA B 241 6.43 -5.99 16.49
CA ALA B 241 5.86 -6.42 17.76
C ALA B 241 4.40 -6.76 17.50
N HIS B 242 3.73 -7.27 18.53
CA HIS B 242 2.31 -7.57 18.40
C HIS B 242 1.51 -6.27 18.20
N GLN B 243 0.35 -6.38 17.56
CA GLN B 243 -0.28 -5.20 16.97
C GLN B 243 -0.63 -4.14 18.01
N LYS B 244 -0.99 -4.54 19.23
CA LYS B 244 -1.38 -3.52 20.20
C LYS B 244 -0.19 -2.86 20.89
N LYS B 245 1.03 -3.36 20.69
CA LYS B 245 2.21 -2.68 21.18
C LYS B 245 2.80 -1.73 20.15
N LEU B 246 2.18 -1.60 18.97
CA LEU B 246 2.82 -0.91 17.86
C LEU B 246 2.87 0.60 18.06
N ALA B 247 1.91 1.19 18.79
CA ALA B 247 1.88 2.64 18.96
C ALA B 247 2.97 3.12 19.92
N GLN B 248 3.33 2.29 20.90
CA GLN B 248 4.37 2.60 21.87
C GLN B 248 5.71 2.02 21.45
N LEU B 249 5.85 1.57 20.20
CA LEU B 249 7.04 0.86 19.75
C LEU B 249 8.33 1.60 20.08
N GLU B 250 8.29 2.93 20.03
CA GLU B 250 9.47 3.73 20.28
C GLU B 250 10.05 3.48 21.66
N THR B 251 9.17 3.28 22.64
CA THR B 251 9.57 3.19 24.04
C THR B 251 9.99 1.77 24.45
N LEU B 252 9.83 0.77 23.53
CA LEU B 252 10.09 -0.64 23.84
C LEU B 252 11.56 -0.98 23.64
N PRO B 253 12.20 -1.59 24.63
CA PRO B 253 13.58 -2.06 24.43
C PRO B 253 13.61 -3.26 23.50
N ASP B 254 14.81 -3.53 22.94
CA ASP B 254 14.96 -4.66 22.02
C ASP B 254 14.37 -5.94 22.60
N ASP B 255 14.49 -6.12 23.91
CA ASP B 255 13.97 -7.27 24.62
C ASP B 255 12.52 -7.58 24.26
N GLU B 256 11.71 -6.55 24.05
CA GLU B 256 10.28 -6.72 23.88
C GLU B 256 9.84 -6.69 22.43
N LEU B 257 10.76 -6.50 21.50
CA LEU B 257 10.44 -6.61 20.09
C LEU B 257 10.60 -8.06 19.63
N GLU B 258 9.96 -8.37 18.51
CA GLU B 258 10.24 -9.60 17.79
C GLU B 258 11.75 -9.78 17.64
N PRO B 259 12.32 -10.88 18.16
CA PRO B 259 13.77 -11.09 18.01
C PRO B 259 14.27 -10.98 16.58
N GLU B 260 13.56 -11.57 15.61
CA GLU B 260 13.98 -11.48 14.21
C GLU B 260 13.98 -10.04 13.72
N PHE B 261 12.98 -9.24 14.14
CA PHE B 261 12.96 -7.85 13.70
C PHE B 261 14.22 -7.13 14.15
N VAL B 262 14.63 -7.35 15.40
CA VAL B 262 15.83 -6.69 15.92
C VAL B 262 17.03 -7.01 15.06
N GLN B 263 17.20 -8.30 14.69
CA GLN B 263 18.33 -8.69 13.85
C GLN B 263 18.19 -8.13 12.44
N GLN B 264 16.97 -8.07 11.92
CA GLN B 264 16.80 -7.49 10.59
C GLN B 264 17.18 -6.02 10.58
N VAL B 265 16.92 -5.28 11.66
CA VAL B 265 17.27 -3.87 11.72
C VAL B 265 18.79 -3.72 11.81
N THR B 266 19.42 -4.48 12.72
CA THR B 266 20.88 -4.48 12.80
C THR B 266 21.51 -4.85 11.46
N GLU B 267 20.92 -5.81 10.75
CA GLU B 267 21.37 -6.14 9.40
C GLU B 267 21.27 -4.95 8.47
N PHE B 268 20.11 -4.28 8.44
CA PHE B 268 19.93 -3.10 7.61
C PHE B 268 20.96 -2.03 7.95
N CYS B 269 21.14 -1.75 9.25
CA CYS B 269 22.07 -0.72 9.69
C CYS B 269 23.51 -1.07 9.30
N SER B 270 23.95 -2.29 9.60
CA SER B 270 25.32 -2.70 9.26
C SER B 270 25.59 -2.54 7.78
N TYR B 271 24.66 -2.96 6.93
CA TYR B 271 24.89 -2.80 5.50
C TYR B 271 25.10 -1.33 5.14
N ILE B 272 24.24 -0.45 5.66
CA ILE B 272 24.37 0.98 5.37
C ILE B 272 25.71 1.52 5.83
N PHE B 273 26.05 1.27 7.11
CA PHE B 273 27.27 1.82 7.69
C PHE B 273 28.52 1.38 6.97
N SER B 274 28.48 0.28 6.22
CA SER B 274 29.67 -0.29 5.64
C SER B 274 29.67 -0.31 4.12
N HIS B 275 28.56 0.08 3.47
CA HIS B 275 28.51 0.13 2.02
C HIS B 275 28.08 1.46 1.44
N SER B 276 27.45 2.35 2.24
CA SER B 276 26.94 3.60 1.73
C SER B 276 28.09 4.60 1.51
N MET B 277 28.26 5.04 0.27
CA MET B 277 29.42 5.81 -0.16
C MET B 277 29.20 7.32 -0.01
N THR B 278 30.32 8.04 0.01
CA THR B 278 30.31 9.50 0.03
C THR B 278 29.48 10.07 -1.11
N LYS B 279 28.69 11.08 -0.81
CA LYS B 279 27.89 11.73 -1.83
C LYS B 279 28.80 12.32 -2.91
N THR B 280 28.48 12.02 -4.17
CA THR B 280 29.34 12.33 -5.29
C THR B 280 28.61 13.14 -6.34
N LEU B 281 29.32 14.09 -6.95
CA LEU B 281 28.83 14.95 -8.01
C LEU B 281 29.65 14.75 -9.28
N PRO B 282 29.06 14.99 -10.45
CA PRO B 282 29.76 14.73 -11.72
C PRO B 282 31.12 15.41 -11.78
N GLY B 283 32.08 14.73 -12.41
CA GLY B 283 33.43 15.24 -12.51
C GLY B 283 34.34 14.85 -11.36
N GLY B 284 34.07 13.73 -10.71
CA GLY B 284 34.91 13.27 -9.61
C GLY B 284 35.08 14.26 -8.48
N ILE B 285 34.09 15.11 -8.24
CA ILE B 285 34.10 15.97 -7.07
C ILE B 285 33.36 15.27 -5.94
N MET B 286 33.86 15.43 -4.73
CA MET B 286 33.36 14.79 -3.52
C MET B 286 32.59 15.87 -2.76
N VAL B 287 31.40 15.52 -2.27
CA VAL B 287 30.52 16.49 -1.62
C VAL B 287 30.82 16.54 -0.13
N ASN B 288 31.05 17.74 0.39
CA ASN B 288 31.07 18.01 1.82
C ASN B 288 29.78 18.76 2.17
N GLY B 289 29.69 19.24 3.41
CA GLY B 289 28.47 19.91 3.83
C GLY B 289 28.19 21.18 3.05
N SER B 290 29.24 21.93 2.71
CA SER B 290 29.06 23.17 1.94
C SER B 290 28.48 22.87 0.57
N ARG B 291 29.05 21.89 -0.14
CA ARG B 291 28.55 21.58 -1.47
C ARG B 291 27.12 21.05 -1.42
N LEU B 292 26.76 20.33 -0.35
CA LEU B 292 25.39 19.86 -0.22
C LEU B 292 24.43 21.03 -0.01
N LYS B 293 24.88 22.06 0.71
CA LYS B 293 24.10 23.28 0.86
C LYS B 293 23.74 23.86 -0.50
N ASN B 294 24.71 23.89 -1.42
CA ASN B 294 24.45 24.47 -2.73
C ASN B 294 23.46 23.63 -3.52
N LEU B 295 23.60 22.30 -3.46
CA LEU B 295 22.64 21.42 -4.11
C LEU B 295 21.22 21.62 -3.56
N VAL B 296 21.09 21.73 -2.25
CA VAL B 296 19.75 21.99 -1.67
C VAL B 296 19.15 23.23 -2.30
N LEU B 297 19.90 24.34 -2.28
CA LEU B 297 19.40 25.58 -2.86
C LEU B 297 19.14 25.43 -4.35
N THR B 298 20.09 24.87 -5.08
CA THR B 298 19.90 24.63 -6.51
C THR B 298 18.59 23.89 -6.78
N TYR B 299 18.38 22.77 -6.09
CA TYR B 299 17.25 21.93 -6.43
C TYR B 299 15.94 22.54 -5.97
N VAL B 300 15.89 23.07 -4.75
CA VAL B 300 14.68 23.74 -4.26
C VAL B 300 14.26 24.85 -5.21
N ASN B 301 15.21 25.69 -5.62
CA ASN B 301 14.87 26.79 -6.51
C ASN B 301 14.39 26.28 -7.86
N ALA B 302 15.04 25.23 -8.38
CA ALA B 302 14.65 24.69 -9.68
C ALA B 302 13.28 24.02 -9.63
N ILE B 303 12.88 23.50 -8.47
CA ILE B 303 11.60 22.81 -8.40
C ILE B 303 10.46 23.82 -8.33
N SER B 304 10.68 24.93 -7.62
CA SER B 304 9.62 25.89 -7.34
C SER B 304 9.45 26.93 -8.45
MG MG C . -7.38 -13.58 -4.54
PB GDP D . -5.59 -11.91 -2.41
O1B GDP D . -4.51 -11.95 -3.47
O2B GDP D . -6.80 -12.65 -2.92
O3B GDP D . -5.98 -10.50 -2.05
O3A GDP D . -5.04 -12.53 -1.04
PA GDP D . -5.48 -13.99 -0.52
O1A GDP D . -5.20 -15.03 -1.59
O2A GDP D . -6.94 -13.97 -0.11
O5' GDP D . -4.57 -14.08 0.80
C5' GDP D . -3.18 -13.78 0.68
C4' GDP D . -2.46 -14.22 1.96
O4' GDP D . -2.80 -13.35 3.03
C3' GDP D . -2.84 -15.60 2.46
O3' GDP D . -1.66 -16.13 3.04
C2' GDP D . -3.81 -15.36 3.59
O2' GDP D . -3.78 -16.43 4.55
C1' GDP D . -3.25 -14.08 4.17
N9 GDP D . -4.27 -13.23 4.77
C8 GDP D . -5.60 -13.32 4.62
N7 GDP D . -6.23 -12.31 5.26
C5 GDP D . -5.29 -11.54 5.82
C6 GDP D . -5.26 -10.30 6.63
O6 GDP D . -6.35 -9.75 6.96
N1 GDP D . -4.06 -9.81 7.01
C2 GDP D . -2.90 -10.41 6.66
N2 GDP D . -1.71 -9.87 7.06
N3 GDP D . -2.86 -11.55 5.91
C4 GDP D . -3.99 -12.13 5.48
AL AF3 E . -4.43 -11.54 -5.79
F1 AF3 E . -5.38 -12.69 -5.47
F2 AF3 E . -5.06 -10.08 -5.51
F3 AF3 E . -2.83 -11.65 -5.48
MG MG F . 7.58 10.42 9.10
PB GDP G . 6.10 7.49 9.02
O1B GDP G . 6.27 6.70 7.73
O2B GDP G . 7.33 8.31 9.33
O3B GDP G . 4.83 8.31 8.90
O3A GDP G . 5.88 6.37 10.14
PA GDP G . 6.22 6.57 11.69
O1A GDP G . 7.69 6.45 11.98
O2A GDP G . 5.63 7.85 12.17
O5' GDP G . 5.37 5.35 12.30
C5' GDP G . 3.95 5.44 12.39
C4' GDP G . 3.46 4.39 13.38
O4' GDP G . 3.90 3.10 12.94
C3' GDP G . 4.07 4.59 14.74
O3' GDP G . 3.04 4.37 15.71
C2' GDP G . 5.15 3.53 14.84
O2' GDP G . 5.37 3.15 16.20
C1' GDP G . 4.57 2.41 13.99
N9 GDP G . 5.61 1.58 13.34
C8 GDP G . 6.92 1.85 13.26
N7 GDP G . 7.58 0.91 12.55
C5 GDP G . 6.65 0.00 12.15
C6 GDP G . 6.66 -1.26 11.37
O6 GDP G . 7.73 -1.72 10.90
N1 GDP G . 5.48 -1.87 11.18
C2 GDP G . 4.31 -1.40 11.66
N2 GDP G . 3.17 -2.09 11.42
N3 GDP G . 4.24 -0.28 12.40
C4 GDP G . 5.35 0.47 12.66
AL AF3 H . 4.52 10.32 7.77
F1 AF3 H . 5.51 10.49 8.96
F2 AF3 H . 5.03 9.55 6.50
F3 AF3 H . 3.08 9.91 8.15
#